data_9C49
#
_entry.id   9C49
#
_cell.length_a   1.00
_cell.length_b   1.00
_cell.length_c   1.00
_cell.angle_alpha   90.00
_cell.angle_beta   90.00
_cell.angle_gamma   90.00
#
_symmetry.space_group_name_H-M   'P 1'
#
_entity_poly.entity_id   1
_entity_poly.type   'polypeptide(L)'
_entity_poly.pdbx_seq_one_letter_code
;MTSVHFNPGLDSKEVNGNSVKEEAEVQIGDGKEETKDPDTMYHQVRKKITPFVMSFGFRVFGLVLIILDIIMVIVDLSLS
EKSRDVGGALETVSLVISFFFLIDVLLRVYVEGFKVYFSSKLNIVDACIVVITLVVTMIYAFSDFSGASLIPRVVTFLRS
LRILILVRIFRLASQKRELEKVTRRMVSENKRRYQKDGFDLDLTYVTERVIAMSFPSSGKQALYRNPIREVVRFLDTKHM
DHYKVFNLCSEKGYDPKFFHYRVERVMIDDHNVPSLDDMLRYTACVRDWMAADSRNVIAIHSKGGKGRTGTMVCTWLIDS
DQFESAQESLDYFGERRTDKSMSSKFQGVETPSQSRYVGYYEIMKNQYNRQLPPRKSLKIKSIRIHSIAGVGKGNGSDLK
LKIIVKHELVFQCVCAKQHNCTVFPDTGSNAVVISLQDGPIVTGDVKVMFESSAGLPKGYEDCPFYFWFNTSFVENYRLF
LSREELDNPHKPKTWDIYKEDFGVTLSFTEPSNSLEVLFQ
;
_entity_poly.pdbx_strand_id   A,B
#
# COMPACT_ATOMS: atom_id res chain seq x y z
N ARG A 192 11.73 1.99 -25.41
CA ARG A 192 11.52 1.00 -26.46
C ARG A 192 10.16 0.33 -26.33
N ARG A 193 9.15 0.91 -26.96
CA ARG A 193 7.79 0.37 -26.88
C ARG A 193 7.71 -0.97 -27.59
N TYR A 194 6.84 -1.83 -27.06
CA TYR A 194 6.61 -3.15 -27.65
C TYR A 194 5.56 -3.01 -28.75
N GLN A 195 6.01 -2.90 -29.99
CA GLN A 195 5.13 -2.68 -31.12
C GLN A 195 4.79 -3.96 -31.88
N LYS A 196 5.24 -5.10 -31.39
CA LYS A 196 5.04 -6.37 -32.10
C LYS A 196 3.61 -6.87 -31.92
N ASP A 197 3.13 -7.59 -32.94
CA ASP A 197 1.84 -8.28 -32.91
C ASP A 197 0.69 -7.33 -32.58
N GLY A 198 0.71 -6.15 -33.18
CA GLY A 198 -0.39 -5.22 -33.04
C GLY A 198 -0.54 -4.61 -31.67
N PHE A 199 0.54 -4.49 -30.91
CA PHE A 199 0.50 -3.91 -29.58
C PHE A 199 1.18 -2.55 -29.58
N ASP A 200 0.67 -1.66 -28.74
CA ASP A 200 1.25 -0.33 -28.60
C ASP A 200 1.46 0.01 -27.13
N LEU A 201 1.85 -0.96 -26.33
CA LEU A 201 2.09 -0.74 -24.91
C LEU A 201 3.51 -0.20 -24.69
N ASP A 202 3.71 0.40 -23.52
CA ASP A 202 5.02 0.92 -23.14
C ASP A 202 5.80 -0.15 -22.37
N LEU A 203 5.91 -1.31 -22.97
CA LEU A 203 6.62 -2.43 -22.35
C LEU A 203 8.12 -2.31 -22.59
N THR A 204 8.88 -3.07 -21.81
CA THR A 204 10.33 -3.17 -21.96
C THR A 204 10.71 -4.60 -21.57
N TYR A 205 10.83 -5.46 -22.57
CA TYR A 205 11.14 -6.87 -22.35
C TYR A 205 12.62 -6.99 -21.97
N VAL A 206 12.92 -6.65 -20.72
CA VAL A 206 14.30 -6.54 -20.25
C VAL A 206 15.03 -7.86 -20.44
N THR A 207 14.43 -8.94 -19.96
CA THR A 207 15.00 -10.27 -20.09
C THR A 207 13.88 -11.21 -20.55
N GLU A 208 14.27 -12.35 -21.12
CA GLU A 208 13.28 -13.28 -21.65
C GLU A 208 12.29 -13.74 -20.59
N ARG A 209 12.67 -13.65 -19.32
CA ARG A 209 11.81 -14.05 -18.22
C ARG A 209 11.47 -12.90 -17.28
N VAL A 210 11.90 -11.68 -17.59
CA VAL A 210 11.60 -10.49 -16.79
C VAL A 210 11.12 -9.39 -17.73
N ILE A 211 9.93 -8.87 -17.46
CA ILE A 211 9.31 -7.84 -18.28
C ILE A 211 9.19 -6.57 -17.46
N ALA A 212 9.48 -5.44 -18.09
CA ALA A 212 9.27 -4.13 -17.49
C ALA A 212 8.25 -3.36 -18.32
N MET A 213 7.46 -2.53 -17.65
CA MET A 213 6.46 -1.74 -18.33
C MET A 213 6.10 -0.55 -17.44
N SER A 214 5.12 0.23 -17.88
CA SER A 214 4.62 1.36 -17.11
C SER A 214 3.32 0.97 -16.42
N PHE A 215 2.75 1.92 -15.70
CA PHE A 215 1.54 1.63 -14.94
C PHE A 215 0.38 1.39 -15.89
N PRO A 216 -0.32 0.26 -15.77
CA PRO A 216 -1.51 0.02 -16.59
C PRO A 216 -2.71 0.74 -15.99
N SER A 217 -3.15 1.81 -16.65
CA SER A 217 -4.18 2.68 -16.12
C SER A 217 -5.55 2.33 -16.69
N SER A 218 -6.58 2.85 -16.04
CA SER A 218 -7.96 2.63 -16.44
C SER A 218 -8.70 3.95 -16.44
N GLY A 219 -9.78 4.00 -17.21
CA GLY A 219 -10.59 5.20 -17.31
C GLY A 219 -10.10 6.14 -18.40
N LYS A 220 -10.24 7.45 -18.19
CA LYS A 220 -9.81 8.44 -19.17
C LYS A 220 -8.31 8.71 -19.06
N GLN A 221 -7.52 7.64 -19.06
CA GLN A 221 -6.07 7.76 -19.00
C GLN A 221 -5.35 6.78 -19.91
N ALA A 222 -6.05 6.03 -20.75
CA ALA A 222 -5.42 5.12 -21.67
C ALA A 222 -4.97 5.79 -22.96
N LEU A 223 -5.23 7.10 -23.12
CA LEU A 223 -4.87 7.79 -24.35
C LEU A 223 -3.36 7.83 -24.54
N TYR A 224 -2.63 8.28 -23.52
CA TYR A 224 -1.18 8.38 -23.60
C TYR A 224 -0.44 7.40 -22.71
N ARG A 225 -1.15 6.67 -21.85
CA ARG A 225 -0.56 5.66 -20.98
C ARG A 225 -1.11 4.30 -21.33
N ASN A 226 -0.58 3.27 -20.68
CA ASN A 226 -1.01 1.90 -20.96
C ASN A 226 -2.45 1.70 -20.53
N PRO A 227 -3.28 1.06 -21.35
CA PRO A 227 -4.59 0.61 -20.86
C PRO A 227 -4.43 -0.69 -20.08
N ILE A 228 -5.15 -0.78 -18.96
CA ILE A 228 -5.02 -1.95 -18.10
C ILE A 228 -5.48 -3.21 -18.82
N ARG A 229 -6.63 -3.15 -19.49
CA ARG A 229 -7.15 -4.33 -20.18
C ARG A 229 -6.27 -4.75 -21.35
N GLU A 230 -5.73 -3.80 -22.10
CA GLU A 230 -4.89 -4.13 -23.25
C GLU A 230 -3.61 -4.83 -22.83
N VAL A 231 -2.92 -4.32 -21.80
CA VAL A 231 -1.72 -4.99 -21.33
C VAL A 231 -2.06 -6.33 -20.68
N VAL A 232 -3.20 -6.40 -19.98
CA VAL A 232 -3.64 -7.68 -19.43
C VAL A 232 -3.76 -8.71 -20.53
N ARG A 233 -4.41 -8.33 -21.64
CA ARG A 233 -4.54 -9.24 -22.78
C ARG A 233 -3.18 -9.57 -23.36
N PHE A 234 -2.28 -8.59 -23.44
CA PHE A 234 -0.96 -8.84 -24.00
C PHE A 234 -0.23 -9.93 -23.23
N LEU A 235 -0.13 -9.79 -21.92
CA LEU A 235 0.58 -10.77 -21.11
C LEU A 235 -0.26 -11.98 -20.77
N ASP A 236 -1.53 -12.02 -21.18
CA ASP A 236 -2.29 -13.26 -21.11
C ASP A 236 -2.16 -14.11 -22.38
N THR A 237 -1.99 -13.49 -23.54
CA THR A 237 -1.81 -14.28 -24.75
C THR A 237 -0.37 -14.76 -24.93
N LYS A 238 0.58 -14.22 -24.15
CA LYS A 238 1.98 -14.58 -24.26
C LYS A 238 2.39 -15.61 -23.20
N HIS A 239 1.97 -15.40 -21.96
CA HIS A 239 2.25 -16.32 -20.86
C HIS A 239 0.97 -16.50 -20.05
N MET A 240 0.33 -17.65 -20.22
CA MET A 240 -0.99 -17.89 -19.66
C MET A 240 -0.84 -18.59 -18.30
N ASP A 241 -1.30 -17.92 -17.24
CA ASP A 241 -1.12 -18.36 -15.85
C ASP A 241 0.35 -18.55 -15.49
N HIS A 242 1.24 -17.76 -16.09
CA HIS A 242 2.66 -17.85 -15.77
C HIS A 242 3.29 -16.47 -15.73
N TYR A 243 2.62 -15.53 -15.06
CA TYR A 243 3.19 -14.21 -14.82
C TYR A 243 2.74 -13.71 -13.46
N LYS A 244 3.57 -12.86 -12.87
CA LYS A 244 3.22 -12.11 -11.66
C LYS A 244 3.50 -10.65 -11.95
N VAL A 245 2.57 -9.78 -11.61
CA VAL A 245 2.71 -8.36 -11.88
C VAL A 245 3.10 -7.65 -10.60
N PHE A 246 4.32 -7.13 -10.56
CA PHE A 246 4.83 -6.41 -9.41
C PHE A 246 4.50 -4.94 -9.59
N ASN A 247 3.65 -4.42 -8.71
CA ASN A 247 3.22 -3.03 -8.75
C ASN A 247 4.01 -2.27 -7.70
N LEU A 248 5.16 -1.73 -8.11
CA LEU A 248 6.05 -1.02 -7.19
C LEU A 248 5.60 0.42 -7.00
N CYS A 249 4.34 0.62 -6.66
CA CYS A 249 3.79 1.96 -6.48
C CYS A 249 3.23 2.08 -5.08
N SER A 250 3.74 3.05 -4.33
CA SER A 250 3.19 3.38 -3.03
C SER A 250 2.03 4.36 -3.14
N GLU A 251 1.68 4.79 -4.35
CA GLU A 251 0.69 5.83 -4.55
C GLU A 251 -0.45 5.46 -5.49
N LYS A 252 -0.36 4.33 -6.19
CA LYS A 252 -1.41 3.93 -7.12
C LYS A 252 -1.50 2.42 -7.18
N GLY A 253 -2.74 1.92 -7.22
CA GLY A 253 -2.99 0.51 -7.41
C GLY A 253 -4.34 0.34 -8.04
N TYR A 254 -4.53 -0.77 -8.76
CA TYR A 254 -5.72 -0.93 -9.58
C TYR A 254 -6.68 -2.00 -9.03
N ASP A 255 -6.29 -3.26 -9.07
CA ASP A 255 -7.04 -4.37 -8.48
C ASP A 255 -6.23 -5.64 -8.67
N PRO A 256 -6.18 -6.54 -7.68
CA PRO A 256 -5.57 -7.85 -7.93
C PRO A 256 -6.29 -8.65 -9.00
N LYS A 257 -7.59 -8.43 -9.19
CA LYS A 257 -8.38 -9.30 -10.07
C LYS A 257 -7.96 -9.20 -11.53
N PHE A 258 -7.50 -8.03 -11.96
CA PHE A 258 -7.16 -7.83 -13.37
C PHE A 258 -6.14 -8.86 -13.82
N PHE A 259 -5.06 -9.02 -13.08
CA PHE A 259 -4.01 -9.98 -13.42
C PHE A 259 -4.22 -11.31 -12.70
N HIS A 260 -5.45 -11.82 -12.77
CA HIS A 260 -5.82 -13.13 -12.24
C HIS A 260 -5.33 -13.33 -10.80
N TYR A 261 -5.41 -12.26 -10.01
CA TYR A 261 -5.04 -12.29 -8.60
C TYR A 261 -3.60 -12.74 -8.39
N ARG A 262 -2.71 -12.28 -9.28
CA ARG A 262 -1.27 -12.48 -9.14
C ARG A 262 -0.63 -11.09 -9.24
N VAL A 263 -0.64 -10.36 -8.14
CA VAL A 263 -0.14 -8.99 -8.09
C VAL A 263 0.44 -8.74 -6.70
N GLU A 264 1.70 -8.35 -6.63
CA GLU A 264 2.33 -7.95 -5.37
C GLU A 264 2.75 -6.50 -5.42
N ARG A 265 2.37 -5.75 -4.38
CA ARG A 265 2.64 -4.33 -4.28
C ARG A 265 3.85 -4.12 -3.38
N VAL A 266 4.85 -3.43 -3.89
CA VAL A 266 6.01 -3.02 -3.11
C VAL A 266 5.90 -1.52 -2.89
N MET A 267 5.85 -1.11 -1.62
CA MET A 267 5.60 0.29 -1.28
C MET A 267 6.89 1.07 -1.52
N ILE A 268 7.07 1.53 -2.75
CA ILE A 268 8.23 2.35 -3.11
C ILE A 268 7.72 3.73 -3.52
N ASP A 269 8.20 4.75 -2.83
CA ASP A 269 7.85 6.13 -3.18
C ASP A 269 8.60 6.56 -4.43
N ASP A 270 7.97 7.46 -5.19
CA ASP A 270 8.57 7.91 -6.44
C ASP A 270 9.89 8.63 -6.18
N HIS A 271 10.91 8.26 -6.96
CA HIS A 271 12.26 8.81 -6.81
C HIS A 271 12.84 8.49 -5.44
N ASN A 272 12.37 7.40 -4.83
CA ASN A 272 12.81 6.99 -3.52
C ASN A 272 13.06 5.49 -3.55
N VAL A 273 13.86 5.02 -2.60
CA VAL A 273 14.31 3.63 -2.58
C VAL A 273 13.40 2.77 -1.72
N PRO A 274 13.39 1.46 -1.90
CA PRO A 274 12.71 0.58 -0.95
C PRO A 274 13.62 0.19 0.21
N SER A 275 12.98 -0.24 1.29
CA SER A 275 13.72 -0.80 2.41
C SER A 275 14.39 -2.10 1.98
N LEU A 276 15.54 -2.38 2.59
CA LEU A 276 16.27 -3.61 2.26
C LEU A 276 15.45 -4.84 2.61
N ASP A 277 14.59 -4.75 3.61
CA ASP A 277 13.62 -5.82 3.86
C ASP A 277 12.67 -5.96 2.68
N ASP A 278 12.23 -4.84 2.11
CA ASP A 278 11.37 -4.89 0.93
C ASP A 278 12.11 -5.50 -0.26
N MET A 279 13.38 -5.15 -0.45
CA MET A 279 14.17 -5.72 -1.53
C MET A 279 14.36 -7.22 -1.33
N LEU A 280 14.66 -7.64 -0.09
CA LEU A 280 14.87 -9.05 0.18
C LEU A 280 13.59 -9.84 -0.01
N ARG A 281 12.46 -9.32 0.47
CA ARG A 281 11.18 -10.00 0.24
C ARG A 281 10.84 -10.05 -1.24
N TYR A 282 11.13 -8.96 -1.95
CA TYR A 282 10.91 -8.92 -3.40
C TYR A 282 11.67 -10.04 -4.09
N THR A 283 12.97 -10.13 -3.85
CA THR A 283 13.77 -11.15 -4.51
C THR A 283 13.37 -12.55 -4.04
N ALA A 284 12.94 -12.68 -2.79
CA ALA A 284 12.48 -13.98 -2.29
C ALA A 284 11.24 -14.45 -3.05
N CYS A 285 10.24 -13.57 -3.18
CA CYS A 285 9.03 -14.00 -3.88
C CYS A 285 9.30 -14.19 -5.36
N VAL A 286 10.23 -13.42 -5.94
CA VAL A 286 10.60 -13.63 -7.33
C VAL A 286 11.25 -15.01 -7.51
N ARG A 287 12.17 -15.35 -6.61
CA ARG A 287 12.86 -16.63 -6.73
C ARG A 287 11.89 -17.79 -6.53
N ASP A 288 10.95 -17.65 -5.60
CA ASP A 288 9.92 -18.67 -5.43
C ASP A 288 9.04 -18.77 -6.68
N TRP A 289 8.69 -17.63 -7.28
CA TRP A 289 7.90 -17.64 -8.50
C TRP A 289 8.64 -18.35 -9.63
N MET A 290 9.92 -18.04 -9.82
CA MET A 290 10.69 -18.68 -10.87
C MET A 290 10.95 -20.15 -10.57
N ALA A 291 10.80 -20.56 -9.31
CA ALA A 291 10.95 -21.96 -8.96
C ALA A 291 9.67 -22.78 -9.15
N ALA A 292 8.54 -22.13 -9.41
CA ALA A 292 7.30 -22.87 -9.64
C ALA A 292 7.39 -23.71 -10.91
N ASP A 293 7.79 -23.10 -12.02
CA ASP A 293 8.19 -23.84 -13.20
C ASP A 293 9.08 -22.94 -14.05
N SER A 294 9.62 -23.53 -15.13
CA SER A 294 10.64 -22.87 -15.93
C SER A 294 10.14 -21.66 -16.71
N ARG A 295 8.83 -21.52 -16.90
CA ARG A 295 8.30 -20.51 -17.82
C ARG A 295 7.50 -19.44 -17.09
N ASN A 296 7.77 -19.22 -15.81
CA ASN A 296 7.21 -18.08 -15.10
C ASN A 296 7.97 -16.83 -15.51
N VAL A 297 7.24 -15.81 -15.98
CA VAL A 297 7.80 -14.51 -16.25
C VAL A 297 7.31 -13.56 -15.16
N ILE A 298 7.86 -12.35 -15.15
CA ILE A 298 7.51 -11.35 -14.16
C ILE A 298 7.39 -10.00 -14.85
N ALA A 299 6.32 -9.28 -14.52
CA ALA A 299 6.06 -7.95 -15.04
C ALA A 299 6.25 -6.94 -13.92
N ILE A 300 7.06 -5.92 -14.17
CA ILE A 300 7.42 -4.91 -13.18
C ILE A 300 7.07 -3.55 -13.74
N HIS A 301 6.43 -2.72 -12.92
CA HIS A 301 6.08 -1.38 -13.39
C HIS A 301 6.04 -0.39 -12.24
N SER A 302 6.02 0.88 -12.59
CA SER A 302 5.79 1.97 -11.67
C SER A 302 5.10 3.09 -12.43
N LYS A 303 4.42 3.97 -11.69
CA LYS A 303 3.62 5.01 -12.33
C LYS A 303 4.49 5.98 -13.13
N GLY A 304 5.60 6.43 -12.55
CA GLY A 304 6.43 7.42 -13.21
C GLY A 304 7.41 6.85 -14.21
N GLY A 305 8.64 7.35 -14.20
CA GLY A 305 9.68 6.84 -15.08
C GLY A 305 10.28 5.54 -14.59
N LYS A 306 11.22 5.02 -15.37
CA LYS A 306 11.86 3.75 -15.04
C LYS A 306 12.93 3.96 -13.95
N GLY A 307 12.49 4.57 -12.86
CA GLY A 307 13.34 4.70 -11.70
C GLY A 307 13.09 3.60 -10.69
N ARG A 308 11.83 3.44 -10.29
CA ARG A 308 11.50 2.36 -9.36
C ARG A 308 11.54 1.01 -10.06
N THR A 309 10.93 0.91 -11.24
CA THR A 309 11.01 -0.34 -11.99
C THR A 309 12.44 -0.60 -12.47
N GLY A 310 13.17 0.46 -12.82
CA GLY A 310 14.57 0.27 -13.15
C GLY A 310 15.39 -0.24 -11.98
N THR A 311 15.19 0.36 -10.81
CA THR A 311 15.89 -0.07 -9.61
C THR A 311 15.59 -1.53 -9.29
N MET A 312 14.33 -1.90 -9.31
CA MET A 312 13.95 -3.23 -8.89
C MET A 312 14.02 -4.25 -10.03
N VAL A 313 14.34 -3.83 -11.24
CA VAL A 313 14.73 -4.80 -12.26
C VAL A 313 16.23 -5.00 -12.26
N CYS A 314 17.02 -3.95 -11.99
CA CYS A 314 18.46 -4.12 -11.87
C CYS A 314 18.81 -4.91 -10.61
N THR A 315 18.05 -4.70 -9.53
CA THR A 315 18.26 -5.47 -8.31
C THR A 315 18.08 -6.97 -8.57
N TRP A 316 16.99 -7.33 -9.26
CA TRP A 316 16.79 -8.73 -9.62
C TRP A 316 17.86 -9.20 -10.58
N LEU A 317 18.28 -8.34 -11.51
CA LEU A 317 19.29 -8.73 -12.49
C LEU A 317 20.59 -9.11 -11.82
N ILE A 318 21.03 -8.33 -10.82
CA ILE A 318 22.31 -8.64 -10.21
C ILE A 318 22.15 -9.70 -9.12
N ASP A 319 20.96 -9.82 -8.51
CA ASP A 319 20.69 -10.94 -7.62
C ASP A 319 20.75 -12.27 -8.35
N SER A 320 20.20 -12.34 -9.57
CA SER A 320 20.21 -13.58 -10.34
C SER A 320 21.59 -13.87 -10.93
N ASP A 321 22.33 -12.84 -11.33
CA ASP A 321 23.65 -13.04 -11.91
C ASP A 321 24.67 -13.37 -10.82
N VAL A 349 18.42 3.10 -13.51
CA VAL A 349 17.85 3.83 -12.39
C VAL A 349 17.96 5.33 -12.65
N GLU A 350 17.18 6.12 -11.92
CA GLU A 350 17.24 7.57 -12.08
C GLU A 350 18.18 8.22 -11.08
N THR A 351 17.89 8.07 -9.81
CA THR A 351 18.58 8.82 -8.78
C THR A 351 19.71 8.00 -8.17
N PRO A 352 20.75 8.66 -7.66
CA PRO A 352 21.88 7.93 -7.09
C PRO A 352 21.55 7.21 -5.79
N SER A 353 20.45 7.58 -5.12
CA SER A 353 20.01 6.80 -3.98
C SER A 353 19.65 5.37 -4.41
N GLN A 354 18.98 5.25 -5.55
CA GLN A 354 18.66 3.94 -6.09
C GLN A 354 19.91 3.18 -6.49
N SER A 355 20.90 3.88 -7.05
CA SER A 355 22.17 3.24 -7.38
C SER A 355 22.87 2.72 -6.13
N ARG A 356 22.90 3.54 -5.07
CA ARG A 356 23.58 3.11 -3.85
C ARG A 356 22.79 2.01 -3.15
N TYR A 357 21.48 1.95 -3.37
CA TYR A 357 20.71 0.85 -2.79
C TYR A 357 20.91 -0.44 -3.56
N VAL A 358 21.10 -0.36 -4.88
CA VAL A 358 21.54 -1.54 -5.62
C VAL A 358 22.92 -1.96 -5.14
N GLY A 359 23.77 -0.99 -4.80
CA GLY A 359 25.07 -1.31 -4.21
C GLY A 359 24.93 -1.99 -2.85
N TYR A 360 24.02 -1.50 -2.02
CA TYR A 360 23.75 -2.16 -0.74
C TYR A 360 23.29 -3.58 -0.96
N TYR A 361 22.40 -3.79 -1.93
CA TYR A 361 21.90 -5.13 -2.17
C TYR A 361 22.99 -6.05 -2.73
N GLU A 362 23.91 -5.53 -3.53
CA GLU A 362 24.98 -6.39 -4.01
C GLU A 362 25.95 -6.74 -2.89
N ILE A 363 26.23 -5.78 -1.99
CA ILE A 363 27.06 -6.10 -0.83
C ILE A 363 26.39 -7.18 0.00
N MET A 364 25.07 -7.07 0.20
CA MET A 364 24.35 -8.11 0.93
C MET A 364 24.39 -9.44 0.19
N LYS A 365 24.23 -9.41 -1.14
CA LYS A 365 24.17 -10.65 -1.91
C LYS A 365 25.50 -11.39 -1.89
N ASN A 366 26.62 -10.67 -1.97
CA ASN A 366 27.91 -11.34 -2.08
C ASN A 366 28.65 -11.49 -0.76
N GLN A 367 28.25 -10.75 0.28
CA GLN A 367 28.92 -10.85 1.58
C GLN A 367 28.01 -11.41 2.66
N TYR A 368 26.89 -10.75 2.96
CA TYR A 368 25.96 -11.18 4.00
C TYR A 368 24.83 -11.93 3.31
N ASN A 369 25.12 -13.16 2.90
CA ASN A 369 24.41 -13.83 1.81
C ASN A 369 22.89 -13.71 1.90
N ARG A 370 22.32 -12.98 0.94
CA ARG A 370 20.88 -12.78 0.78
C ARG A 370 20.16 -12.59 2.11
N GLN A 371 20.74 -11.83 3.03
CA GLN A 371 20.17 -11.63 4.35
C GLN A 371 20.56 -10.24 4.84
N LEU A 372 19.91 -9.81 5.91
CA LEU A 372 20.16 -8.49 6.47
C LEU A 372 21.61 -8.39 6.95
N PRO A 373 22.19 -7.20 6.90
CA PRO A 373 23.53 -7.02 7.46
C PRO A 373 23.48 -7.10 8.97
N PRO A 374 24.63 -7.27 9.63
CA PRO A 374 24.67 -7.14 11.08
C PRO A 374 24.02 -5.84 11.50
N ARG A 375 22.93 -5.96 12.25
CA ARG A 375 22.14 -4.78 12.61
C ARG A 375 22.98 -3.80 13.41
N LYS A 376 23.20 -2.62 12.84
CA LYS A 376 23.93 -1.56 13.51
C LYS A 376 22.96 -0.43 13.79
N SER A 377 22.87 -0.03 15.06
CA SER A 377 22.13 1.15 15.46
C SER A 377 23.13 2.28 15.67
N LEU A 378 23.08 3.28 14.81
CA LEU A 378 24.03 4.37 14.86
C LEU A 378 23.32 5.67 15.22
N LYS A 379 24.06 6.56 15.87
CA LYS A 379 23.57 7.88 16.25
C LYS A 379 24.32 8.92 15.46
N ILE A 380 23.60 9.77 14.74
CA ILE A 380 24.23 10.82 13.96
C ILE A 380 24.50 12.02 14.87
N LYS A 381 25.70 12.58 14.77
CA LYS A 381 26.14 13.64 15.68
C LYS A 381 26.36 14.98 15.00
N SER A 382 26.77 14.99 13.73
CA SER A 382 26.98 16.24 13.02
C SER A 382 26.91 15.98 11.53
N ILE A 383 26.67 17.04 10.77
CA ILE A 383 26.57 17.00 9.32
C ILE A 383 27.52 18.04 8.75
N ARG A 384 28.45 17.59 7.91
CA ARG A 384 29.46 18.46 7.32
C ARG A 384 29.13 18.70 5.86
N ILE A 385 29.09 19.97 5.45
CA ILE A 385 28.78 20.34 4.08
C ILE A 385 30.05 20.87 3.43
N HIS A 386 30.47 20.22 2.36
CA HIS A 386 31.71 20.55 1.66
C HIS A 386 31.42 21.45 0.47
N SER A 387 32.24 22.50 0.33
CA SER A 387 32.13 23.44 -0.78
C SER A 387 30.74 24.11 -0.81
N ILE A 388 30.48 24.89 0.23
CA ILE A 388 29.21 25.62 0.33
C ILE A 388 29.27 27.00 -0.32
N ALA A 389 30.44 27.43 -0.79
CA ALA A 389 30.57 28.75 -1.40
C ALA A 389 29.85 28.79 -2.74
N GLY A 390 28.65 29.38 -2.75
CA GLY A 390 27.87 29.47 -3.97
C GLY A 390 26.44 29.05 -3.75
N VAL A 391 26.24 28.07 -2.85
CA VAL A 391 24.92 27.56 -2.52
C VAL A 391 24.48 28.20 -1.21
N GLY A 392 23.21 28.58 -1.15
CA GLY A 392 22.68 29.23 0.03
C GLY A 392 22.94 30.73 0.02
N LYS A 393 22.62 31.36 1.15
CA LYS A 393 22.77 32.80 1.28
C LYS A 393 24.22 33.23 1.25
N GLY A 394 25.13 32.35 1.67
CA GLY A 394 26.54 32.67 1.71
C GLY A 394 27.19 32.28 3.01
N ASN A 395 26.35 31.92 4.00
CA ASN A 395 26.83 31.48 5.30
C ASN A 395 26.46 30.05 5.62
N GLY A 396 25.56 29.42 4.86
CA GLY A 396 25.14 28.07 5.12
C GLY A 396 24.02 27.93 6.12
N SER A 397 23.60 29.02 6.75
CA SER A 397 22.54 28.97 7.75
C SER A 397 21.16 29.13 7.11
N ASP A 398 20.89 28.31 6.09
CA ASP A 398 19.57 28.26 5.49
C ASP A 398 19.05 26.85 5.24
N LEU A 399 19.91 25.83 5.34
CA LEU A 399 19.47 24.46 5.12
C LEU A 399 18.48 24.03 6.21
N LYS A 400 17.50 23.22 5.83
CA LYS A 400 16.57 22.64 6.78
C LYS A 400 16.69 21.13 6.72
N LEU A 401 16.89 20.51 7.87
CA LEU A 401 17.14 19.08 7.97
C LEU A 401 15.85 18.33 8.26
N LYS A 402 15.68 17.18 7.62
CA LYS A 402 14.57 16.28 7.93
C LYS A 402 15.08 14.85 7.84
N ILE A 403 15.01 14.13 8.94
CA ILE A 403 15.44 12.74 9.01
C ILE A 403 14.19 11.88 9.10
N ILE A 404 14.01 10.99 8.12
CA ILE A 404 12.82 10.15 8.02
C ILE A 404 13.26 8.69 8.10
N VAL A 405 12.67 7.95 9.05
CA VAL A 405 12.88 6.52 9.16
C VAL A 405 11.50 5.86 9.18
N LYS A 406 11.22 5.01 8.20
CA LYS A 406 9.95 4.30 8.08
C LYS A 406 8.77 5.27 8.10
N HIS A 407 8.81 6.24 7.17
CA HIS A 407 7.73 7.22 7.00
C HIS A 407 7.47 7.99 8.29
N GLU A 408 8.51 8.22 9.08
CA GLU A 408 8.37 8.94 10.35
C GLU A 408 9.48 9.98 10.45
N LEU A 409 9.09 11.23 10.64
CA LEU A 409 10.06 12.32 10.78
C LEU A 409 10.68 12.22 12.18
N VAL A 410 11.89 11.68 12.25
CA VAL A 410 12.54 11.45 13.54
C VAL A 410 13.37 12.64 14.01
N PHE A 411 13.68 13.59 13.13
CA PHE A 411 14.47 14.75 13.50
C PHE A 411 14.32 15.83 12.44
N GLN A 412 14.11 17.06 12.87
CA GLN A 412 14.16 18.21 11.99
C GLN A 412 14.86 19.35 12.70
N CYS A 413 15.44 20.25 11.92
CA CYS A 413 16.08 21.43 12.49
C CYS A 413 16.17 22.52 11.42
N VAL A 414 16.21 23.77 11.89
CA VAL A 414 16.36 24.93 11.02
C VAL A 414 17.61 25.69 11.44
N CYS A 415 18.46 25.99 10.47
CA CYS A 415 19.74 26.63 10.77
C CYS A 415 19.61 28.12 11.03
N ALA A 416 18.67 28.80 10.36
CA ALA A 416 18.56 30.24 10.53
C ALA A 416 18.17 30.61 11.95
N LYS A 417 17.19 29.91 12.52
CA LYS A 417 16.79 30.15 13.91
C LYS A 417 17.83 29.61 14.89
N GLN A 418 18.49 28.51 14.53
CA GLN A 418 19.54 27.89 15.34
C GLN A 418 19.01 27.51 16.72
N HIS A 419 18.00 26.63 16.71
CA HIS A 419 17.37 26.15 17.93
C HIS A 419 17.62 24.66 18.15
N ASN A 420 17.28 23.82 17.18
CA ASN A 420 17.52 22.39 17.29
C ASN A 420 18.90 21.98 16.81
N CYS A 421 19.62 22.89 16.14
CA CYS A 421 20.97 22.62 15.69
C CYS A 421 21.79 23.91 15.74
N THR A 422 23.10 23.75 15.82
CA THR A 422 24.02 24.88 15.86
C THR A 422 24.91 24.85 14.62
N VAL A 423 25.30 26.04 14.15
CA VAL A 423 26.07 26.20 12.93
C VAL A 423 27.47 26.67 13.31
N PHE A 424 28.49 25.97 12.80
CA PHE A 424 29.89 26.30 13.07
C PHE A 424 30.61 26.42 11.73
N PRO A 425 30.44 27.54 11.03
CA PRO A 425 31.08 27.70 9.71
C PRO A 425 32.59 27.88 9.85
N ASP A 426 33.34 27.06 9.12
CA ASP A 426 34.79 27.25 8.98
C ASP A 426 35.12 27.66 7.54
N THR A 427 35.31 28.96 7.35
CA THR A 427 35.50 29.49 6.00
C THR A 427 36.81 29.05 5.38
N GLY A 428 37.74 28.51 6.19
CA GLY A 428 39.00 28.05 5.63
C GLY A 428 38.85 26.87 4.70
N SER A 429 38.05 25.88 5.10
CA SER A 429 37.85 24.67 4.30
C SER A 429 36.47 24.62 3.64
N ASN A 430 35.73 25.73 3.68
CA ASN A 430 34.40 25.81 3.06
C ASN A 430 33.45 24.74 3.60
N ALA A 431 33.50 24.50 4.90
CA ALA A 431 32.59 23.58 5.57
C ALA A 431 31.75 24.35 6.57
N VAL A 432 30.45 24.05 6.61
CA VAL A 432 29.52 24.74 7.48
C VAL A 432 28.95 23.69 8.43
N VAL A 433 29.84 22.82 8.92
CA VAL A 433 29.49 21.70 9.79
C VAL A 433 28.52 22.13 10.86
N ILE A 434 27.40 21.42 10.97
CA ILE A 434 26.33 21.75 11.90
C ILE A 434 26.32 20.69 13.00
N SER A 435 26.56 21.13 14.24
CA SER A 435 26.57 20.22 15.37
C SER A 435 25.14 19.76 15.64
N LEU A 436 24.88 18.48 15.38
CA LEU A 436 23.54 17.92 15.47
C LEU A 436 23.40 17.26 16.84
N GLN A 437 22.98 18.06 17.82
CA GLN A 437 22.81 17.58 19.17
C GLN A 437 21.70 16.53 19.24
N ASP A 438 21.79 15.69 20.28
CA ASP A 438 20.84 14.62 20.62
C ASP A 438 20.24 13.96 19.38
N GLY A 439 21.10 13.61 18.42
CA GLY A 439 20.67 13.01 17.18
C GLY A 439 20.01 11.67 17.39
N PRO A 440 19.10 11.31 16.49
CA PRO A 440 18.36 10.06 16.65
C PRO A 440 19.26 8.84 16.51
N ILE A 441 18.87 7.76 17.18
CA ILE A 441 19.55 6.48 17.06
C ILE A 441 18.97 5.77 15.85
N VAL A 442 19.45 6.10 14.66
CA VAL A 442 18.83 5.59 13.44
C VAL A 442 19.21 4.14 13.24
N THR A 443 18.23 3.34 12.81
CA THR A 443 18.45 1.93 12.54
C THR A 443 17.75 1.58 11.23
N GLY A 444 18.48 0.97 10.30
CA GLY A 444 17.91 0.60 9.03
C GLY A 444 18.06 1.68 7.98
N ASP A 445 17.01 1.90 7.20
CA ASP A 445 17.06 2.82 6.07
C ASP A 445 16.63 4.21 6.51
N VAL A 446 17.42 5.21 6.15
CA VAL A 446 17.25 6.58 6.61
C VAL A 446 17.16 7.50 5.40
N LYS A 447 16.29 8.50 5.48
CA LYS A 447 16.22 9.57 4.49
C LYS A 447 16.55 10.90 5.15
N VAL A 448 17.50 11.63 4.56
CA VAL A 448 17.90 12.94 5.05
C VAL A 448 17.77 13.91 3.88
N MET A 449 16.73 14.74 3.91
CA MET A 449 16.55 15.76 2.88
C MET A 449 16.92 17.12 3.44
N PHE A 450 17.45 17.98 2.58
CA PHE A 450 17.85 19.33 2.94
C PHE A 450 16.92 20.32 2.26
N GLU A 451 16.00 20.89 3.02
CA GLU A 451 15.14 21.97 2.53
C GLU A 451 15.86 23.30 2.67
N SER A 452 15.52 24.23 1.79
CA SER A 452 16.16 25.54 1.81
C SER A 452 15.12 26.62 1.56
N SER A 453 15.43 27.82 2.05
CA SER A 453 14.57 28.99 1.92
C SER A 453 15.24 30.11 1.15
N ALA A 454 16.28 29.79 0.38
CA ALA A 454 17.00 30.77 -0.42
C ALA A 454 16.92 30.47 -1.91
N GLY A 455 15.84 29.83 -2.36
CA GLY A 455 15.65 29.58 -3.77
C GLY A 455 16.64 28.60 -4.38
N LEU A 456 16.96 27.52 -3.68
CA LEU A 456 17.80 26.50 -4.24
C LEU A 456 17.04 25.74 -5.34
N PRO A 457 17.74 25.21 -6.33
CA PRO A 457 17.05 24.55 -7.45
C PRO A 457 16.41 23.24 -7.05
N LYS A 458 15.22 23.31 -6.46
CA LYS A 458 14.50 22.11 -6.04
C LYS A 458 14.22 21.23 -7.25
N GLY A 459 14.50 19.94 -7.10
CA GLY A 459 14.29 18.99 -8.17
C GLY A 459 13.30 17.91 -7.82
N TYR A 460 13.79 16.67 -7.70
CA TYR A 460 12.91 15.56 -7.35
C TYR A 460 12.32 15.76 -5.95
N GLU A 461 11.06 15.35 -5.80
CA GLU A 461 10.29 15.42 -4.56
C GLU A 461 10.35 16.80 -3.90
N ASP A 462 10.62 17.84 -4.69
CA ASP A 462 10.57 19.23 -4.23
C ASP A 462 11.52 19.45 -3.04
N CYS A 463 12.80 19.19 -3.29
CA CYS A 463 13.83 19.38 -2.28
C CYS A 463 15.15 19.64 -2.98
N PRO A 464 15.96 20.57 -2.44
CA PRO A 464 17.30 20.79 -3.00
C PRO A 464 18.11 19.52 -3.16
N PHE A 465 18.28 18.74 -2.08
CA PHE A 465 18.89 17.42 -2.19
C PHE A 465 18.52 16.58 -0.99
N TYR A 466 18.36 15.27 -1.21
CA TYR A 466 18.03 14.32 -0.17
C TYR A 466 18.92 13.09 -0.24
N PHE A 467 18.99 12.34 0.85
CA PHE A 467 19.80 11.15 0.94
C PHE A 467 18.91 9.93 1.07
N TRP A 468 19.52 8.75 0.95
CA TRP A 468 18.83 7.51 1.26
C TRP A 468 19.90 6.45 1.50
N PHE A 469 20.03 5.97 2.73
CA PHE A 469 21.09 5.03 3.03
C PHE A 469 20.66 4.09 4.15
N ASN A 470 21.33 2.94 4.21
CA ASN A 470 21.16 1.97 5.27
C ASN A 470 22.29 2.12 6.27
N THR A 471 21.94 2.36 7.54
CA THR A 471 22.95 2.63 8.56
C THR A 471 23.74 1.38 8.92
N SER A 472 23.27 0.19 8.54
CA SER A 472 24.02 -1.03 8.74
C SER A 472 25.20 -1.17 7.80
N PHE A 473 25.32 -0.29 6.80
CA PHE A 473 26.41 -0.31 5.85
C PHE A 473 27.47 0.74 6.13
N VAL A 474 27.23 1.63 7.10
CA VAL A 474 28.18 2.70 7.38
C VAL A 474 29.42 2.11 8.02
N GLU A 475 30.59 2.49 7.50
CA GLU A 475 31.87 1.98 7.96
C GLU A 475 32.63 3.08 8.68
N ASN A 476 33.20 2.74 9.84
CA ASN A 476 34.01 3.66 10.64
C ASN A 476 33.23 4.88 11.10
N TYR A 477 31.90 4.77 11.16
CA TYR A 477 31.03 5.83 11.67
C TYR A 477 31.25 7.15 10.93
N ARG A 478 31.32 7.06 9.60
CA ARG A 478 31.46 8.24 8.75
C ARG A 478 30.83 7.95 7.40
N LEU A 479 30.08 8.93 6.88
CA LEU A 479 29.47 8.81 5.55
C LEU A 479 29.61 10.16 4.85
N PHE A 480 30.39 10.18 3.77
CA PHE A 480 30.52 11.34 2.91
C PHE A 480 29.90 11.04 1.55
N LEU A 481 29.02 11.92 1.09
CA LEU A 481 28.37 11.77 -0.20
C LEU A 481 28.89 12.85 -1.14
N SER A 482 29.57 12.44 -2.20
CA SER A 482 30.13 13.37 -3.17
C SER A 482 29.01 14.12 -3.88
N ARG A 483 29.39 15.13 -4.66
CA ARG A 483 28.40 15.89 -5.43
C ARG A 483 27.54 14.97 -6.29
N GLU A 484 28.13 13.90 -6.81
CA GLU A 484 27.43 13.03 -7.74
C GLU A 484 26.41 12.11 -7.06
N GLU A 485 26.48 11.93 -5.73
CA GLU A 485 25.58 10.97 -5.09
C GLU A 485 24.30 11.65 -4.59
N LEU A 486 24.40 12.43 -3.53
CA LEU A 486 23.71 13.72 -3.43
C LEU A 486 22.47 13.83 -4.31
N ASP A 487 21.44 13.02 -4.05
CA ASP A 487 20.24 13.01 -4.87
C ASP A 487 19.72 14.41 -5.16
N ASN A 488 19.69 14.77 -6.47
CA ASN A 488 19.21 15.98 -7.16
C ASN A 488 20.36 16.79 -7.74
N PRO A 489 21.43 17.09 -7.00
CA PRO A 489 22.61 17.70 -7.64
C PRO A 489 23.25 16.82 -8.70
N HIS A 490 22.99 15.51 -8.69
CA HIS A 490 23.62 14.63 -9.65
C HIS A 490 23.25 14.98 -11.09
N LYS A 491 22.07 15.55 -11.29
CA LYS A 491 21.62 15.90 -12.63
C LYS A 491 22.54 16.96 -13.22
N PRO A 492 23.00 16.82 -14.46
CA PRO A 492 23.94 17.79 -15.02
C PRO A 492 23.38 19.19 -15.16
N LYS A 493 22.06 19.35 -15.17
CA LYS A 493 21.49 20.66 -15.46
C LYS A 493 21.74 21.65 -14.33
N THR A 494 22.10 21.17 -13.15
CA THR A 494 22.33 22.05 -11.99
C THR A 494 23.80 22.12 -11.60
N TRP A 495 24.71 21.80 -12.50
CA TRP A 495 26.13 21.78 -12.16
C TRP A 495 26.72 23.19 -12.22
N ASP A 496 26.08 24.14 -11.55
CA ASP A 496 26.60 25.50 -11.44
C ASP A 496 26.47 26.08 -10.04
N ILE A 497 25.62 25.54 -9.17
CA ILE A 497 25.50 25.98 -7.80
C ILE A 497 26.25 24.99 -6.92
N TYR A 498 26.31 23.73 -7.36
CA TYR A 498 27.06 22.68 -6.67
C TYR A 498 28.29 22.35 -7.51
N LYS A 499 29.45 22.83 -7.07
CA LYS A 499 30.68 22.59 -7.79
C LYS A 499 31.10 21.12 -7.61
N GLU A 500 32.16 20.73 -8.33
CA GLU A 500 32.56 19.32 -8.35
C GLU A 500 32.93 18.80 -6.96
N ASP A 501 33.47 19.66 -6.11
CA ASP A 501 33.89 19.26 -4.78
C ASP A 501 32.77 19.30 -3.75
N PHE A 502 31.57 19.69 -4.16
CA PHE A 502 30.45 19.76 -3.23
C PHE A 502 30.14 18.38 -2.66
N GLY A 503 29.75 18.35 -1.40
CA GLY A 503 29.40 17.11 -0.76
C GLY A 503 28.91 17.35 0.65
N VAL A 504 28.28 16.32 1.20
CA VAL A 504 27.79 16.33 2.58
C VAL A 504 28.38 15.13 3.30
N THR A 505 28.97 15.36 4.46
CA THR A 505 29.53 14.31 5.29
C THR A 505 28.65 14.12 6.52
N LEU A 506 28.31 12.86 6.81
CA LEU A 506 27.52 12.52 7.99
C LEU A 506 28.44 11.87 9.02
N SER A 507 28.45 12.41 10.24
CA SER A 507 29.25 11.87 11.33
C SER A 507 28.36 11.07 12.27
N PHE A 508 28.77 9.84 12.56
CA PHE A 508 27.99 8.91 13.33
C PHE A 508 28.62 8.69 14.71
N THR A 509 27.83 8.11 15.60
CA THR A 509 28.27 7.76 16.94
C THR A 509 27.70 6.39 17.31
N GLU A 510 28.41 5.68 18.17
CA GLU A 510 27.95 4.37 18.63
C GLU A 510 27.36 4.52 20.02
N PRO A 511 26.05 4.33 20.21
CA PRO A 511 25.40 4.46 21.51
C PRO A 511 25.86 3.41 22.51
N ARG B 192 -22.65 15.38 5.47
CA ARG B 192 -22.62 16.62 6.25
C ARG B 192 -21.27 17.33 6.10
N ARG B 193 -21.14 18.09 5.04
CA ARG B 193 -19.89 18.79 4.76
C ARG B 193 -19.61 19.87 5.81
N TYR B 194 -18.33 20.13 6.04
CA TYR B 194 -17.88 21.10 7.04
C TYR B 194 -17.83 22.47 6.38
N GLN B 195 -18.86 23.28 6.59
CA GLN B 195 -18.93 24.62 6.03
C GLN B 195 -18.46 25.70 6.99
N LYS B 196 -17.99 25.32 8.18
CA LYS B 196 -17.58 26.29 9.18
C LYS B 196 -16.20 26.86 8.86
N ASP B 197 -15.97 28.09 9.36
CA ASP B 197 -14.66 28.75 9.25
C ASP B 197 -14.20 28.87 7.80
N GLY B 198 -15.14 29.20 6.91
CA GLY B 198 -14.79 29.41 5.52
C GLY B 198 -14.27 28.20 4.80
N PHE B 199 -14.56 27.00 5.28
CA PHE B 199 -14.14 25.77 4.63
C PHE B 199 -15.30 25.17 3.84
N ASP B 200 -14.96 24.44 2.78
CA ASP B 200 -15.94 23.70 2.00
C ASP B 200 -15.53 22.25 1.84
N LEU B 201 -15.02 21.64 2.92
CA LEU B 201 -14.51 20.30 2.90
C LEU B 201 -15.61 19.27 3.11
N ASP B 202 -15.34 18.04 2.71
CA ASP B 202 -16.25 16.92 2.93
C ASP B 202 -15.85 16.15 4.19
N LEU B 203 -15.80 16.87 5.32
CA LEU B 203 -15.46 16.28 6.60
C LEU B 203 -16.71 15.74 7.28
N THR B 204 -16.47 14.98 8.35
CA THR B 204 -17.54 14.48 9.23
C THR B 204 -16.93 14.33 10.62
N TYR B 205 -17.16 15.32 11.47
CA TYR B 205 -16.60 15.35 12.82
C TYR B 205 -17.35 14.35 13.70
N VAL B 206 -16.98 13.08 13.53
CA VAL B 206 -17.73 11.99 14.15
C VAL B 206 -17.74 12.13 15.66
N THR B 207 -16.58 12.37 16.25
CA THR B 207 -16.43 12.56 17.68
C THR B 207 -15.50 13.75 17.91
N GLU B 208 -15.43 14.21 19.16
CA GLU B 208 -14.57 15.34 19.48
C GLU B 208 -13.11 15.04 19.18
N ARG B 209 -12.74 13.76 19.05
CA ARG B 209 -11.37 13.37 18.82
C ARG B 209 -11.21 12.41 17.65
N VAL B 210 -12.26 12.14 16.89
CA VAL B 210 -12.22 11.29 15.71
C VAL B 210 -12.89 12.03 14.56
N ILE B 211 -12.24 12.02 13.39
CA ILE B 211 -12.70 12.76 12.23
C ILE B 211 -12.78 11.82 11.03
N ALA B 212 -13.90 11.88 10.33
CA ALA B 212 -14.07 11.17 9.06
C ALA B 212 -14.18 12.18 7.93
N MET B 213 -13.61 11.83 6.79
CA MET B 213 -13.64 12.71 5.63
C MET B 213 -13.41 11.85 4.39
N SER B 214 -13.39 12.50 3.23
CA SER B 214 -13.17 11.82 1.97
C SER B 214 -11.70 11.96 1.57
N PHE B 215 -11.32 11.26 0.51
CA PHE B 215 -9.93 11.21 0.11
C PHE B 215 -9.45 12.61 -0.28
N PRO B 216 -8.33 13.07 0.24
CA PRO B 216 -7.77 14.36 -0.19
C PRO B 216 -7.01 14.20 -1.50
N SER B 217 -7.60 14.73 -2.57
CA SER B 217 -7.07 14.54 -3.91
C SER B 217 -6.22 15.73 -4.33
N SER B 218 -5.39 15.51 -5.34
CA SER B 218 -4.50 16.52 -5.88
C SER B 218 -4.56 16.50 -7.40
N GLY B 219 -4.10 17.59 -8.01
CA GLY B 219 -4.14 17.71 -9.46
C GLY B 219 -5.47 18.23 -9.96
N LYS B 220 -5.94 17.69 -11.08
CA LYS B 220 -7.21 18.12 -11.67
C LYS B 220 -8.37 17.36 -11.07
N GLN B 221 -8.45 17.33 -9.74
CA GLN B 221 -9.52 16.63 -9.05
C GLN B 221 -10.13 17.42 -7.90
N ALA B 222 -9.55 18.56 -7.53
CA ALA B 222 -10.05 19.34 -6.41
C ALA B 222 -11.33 20.11 -6.73
N LEU B 223 -11.78 20.09 -7.98
CA LEU B 223 -13.01 20.81 -8.33
C LEU B 223 -14.21 20.22 -7.61
N TYR B 224 -14.30 18.89 -7.51
CA TYR B 224 -15.41 18.24 -6.84
C TYR B 224 -15.00 17.42 -5.63
N ARG B 225 -13.73 17.12 -5.46
CA ARG B 225 -13.23 16.34 -4.33
C ARG B 225 -12.48 17.24 -3.36
N ASN B 226 -11.93 16.63 -2.33
CA ASN B 226 -11.22 17.38 -1.31
C ASN B 226 -9.85 17.81 -1.83
N PRO B 227 -9.51 19.10 -1.76
CA PRO B 227 -8.14 19.51 -2.11
C PRO B 227 -7.18 19.17 -0.98
N ILE B 228 -6.07 18.53 -1.34
CA ILE B 228 -5.13 18.05 -0.34
C ILE B 228 -4.57 19.21 0.47
N ARG B 229 -4.17 20.30 -0.20
CA ARG B 229 -3.63 21.44 0.51
C ARG B 229 -4.67 22.10 1.42
N GLU B 230 -5.92 22.20 0.97
CA GLU B 230 -6.96 22.82 1.79
C GLU B 230 -7.24 22.03 3.06
N VAL B 231 -7.36 20.70 2.94
CA VAL B 231 -7.60 19.90 4.13
C VAL B 231 -6.37 19.92 5.04
N VAL B 232 -5.18 19.91 4.47
CA VAL B 232 -3.96 20.02 5.27
C VAL B 232 -3.99 21.32 6.08
N ARG B 233 -4.36 22.41 5.43
CA ARG B 233 -4.46 23.69 6.14
C ARG B 233 -5.51 23.63 7.24
N PHE B 234 -6.66 23.03 6.94
CA PHE B 234 -7.74 22.96 7.93
C PHE B 234 -7.28 22.23 9.19
N LEU B 235 -6.75 21.03 9.03
CA LEU B 235 -6.34 20.24 10.18
C LEU B 235 -4.95 20.61 10.69
N ASP B 236 -4.29 21.59 10.09
CA ASP B 236 -3.13 22.19 10.73
C ASP B 236 -3.49 23.39 11.61
N THR B 237 -4.46 24.21 11.18
CA THR B 237 -4.88 25.33 12.02
C THR B 237 -5.83 24.90 13.13
N LYS B 238 -6.41 23.70 13.05
CA LYS B 238 -7.31 23.18 14.07
C LYS B 238 -6.58 22.31 15.09
N HIS B 239 -5.73 21.40 14.61
CA HIS B 239 -4.91 20.55 15.47
C HIS B 239 -3.47 20.65 14.99
N MET B 240 -2.68 21.52 15.62
CA MET B 240 -1.29 21.70 15.23
C MET B 240 -0.43 20.65 15.92
N ASP B 241 0.15 19.74 15.13
CA ASP B 241 1.07 18.72 15.61
C ASP B 241 0.42 17.78 16.62
N HIS B 242 -0.90 17.62 16.53
CA HIS B 242 -1.63 16.73 17.44
C HIS B 242 -2.71 15.96 16.70
N TYR B 243 -2.38 15.42 15.53
CA TYR B 243 -3.30 14.59 14.76
C TYR B 243 -2.49 13.57 13.97
N LYS B 244 -3.17 12.51 13.55
CA LYS B 244 -2.59 11.51 12.66
C LYS B 244 -3.65 11.12 11.64
N VAL B 245 -3.27 11.15 10.36
CA VAL B 245 -4.23 10.91 9.28
C VAL B 245 -4.13 9.45 8.86
N PHE B 246 -5.27 8.76 8.89
CA PHE B 246 -5.33 7.36 8.52
C PHE B 246 -5.90 7.24 7.11
N ASN B 247 -5.11 6.68 6.20
CA ASN B 247 -5.51 6.53 4.79
C ASN B 247 -5.91 5.08 4.58
N LEU B 248 -7.22 4.83 4.56
CA LEU B 248 -7.74 3.48 4.38
C LEU B 248 -8.02 3.17 2.91
N CYS B 249 -7.03 3.40 2.04
CA CYS B 249 -7.17 3.13 0.62
C CYS B 249 -6.06 2.18 0.20
N SER B 250 -6.45 1.05 -0.39
CA SER B 250 -5.50 0.10 -0.94
C SER B 250 -5.22 0.36 -2.42
N GLU B 251 -5.85 1.36 -3.01
CA GLU B 251 -5.71 1.63 -4.43
C GLU B 251 -5.07 2.98 -4.75
N LYS B 252 -4.95 3.88 -3.79
CA LYS B 252 -4.35 5.19 -4.05
C LYS B 252 -3.82 5.80 -2.76
N GLY B 253 -2.68 6.46 -2.88
CA GLY B 253 -2.11 7.23 -1.80
C GLY B 253 -1.40 8.43 -2.38
N TYR B 254 -1.10 9.42 -1.54
CA TYR B 254 -0.61 10.69 -2.05
C TYR B 254 0.84 10.97 -1.69
N ASP B 255 1.14 11.20 -0.41
CA ASP B 255 2.50 11.40 0.08
C ASP B 255 2.44 11.56 1.59
N PRO B 256 3.37 10.97 2.33
CA PRO B 256 3.40 11.22 3.78
C PRO B 256 3.70 12.65 4.14
N LYS B 257 4.33 13.41 3.24
CA LYS B 257 4.89 14.71 3.60
C LYS B 257 3.81 15.75 3.85
N PHE B 258 2.66 15.63 3.19
CA PHE B 258 1.63 16.66 3.30
C PHE B 258 1.17 16.85 4.73
N PHE B 259 0.84 15.75 5.41
CA PHE B 259 0.46 15.81 6.82
C PHE B 259 1.66 15.58 7.73
N HIS B 260 2.75 16.28 7.44
CA HIS B 260 3.93 16.34 8.32
C HIS B 260 4.40 14.95 8.76
N TYR B 261 4.31 13.98 7.84
CA TYR B 261 4.78 12.62 8.08
C TYR B 261 4.10 11.99 9.29
N ARG B 262 2.80 12.25 9.45
CA ARG B 262 1.97 11.56 10.43
C ARG B 262 0.80 10.96 9.65
N VAL B 263 1.05 9.81 9.04
CA VAL B 263 0.09 9.16 8.15
C VAL B 263 0.33 7.66 8.20
N GLU B 264 -0.72 6.89 8.42
CA GLU B 264 -0.65 5.44 8.32
C GLU B 264 -1.68 4.95 7.33
N ARG B 265 -1.25 4.04 6.45
CA ARG B 265 -2.10 3.50 5.40
C ARG B 265 -2.60 2.13 5.85
N VAL B 266 -3.91 1.94 5.80
CA VAL B 266 -4.52 0.64 6.02
C VAL B 266 -5.01 0.13 4.67
N MET B 267 -4.57 -1.07 4.29
CA MET B 267 -4.81 -1.61 2.96
C MET B 267 -6.18 -2.27 2.94
N ILE B 268 -7.22 -1.48 2.74
CA ILE B 268 -8.59 -1.97 2.62
C ILE B 268 -9.04 -1.73 1.20
N ASP B 269 -9.48 -2.79 0.53
CA ASP B 269 -10.03 -2.67 -0.82
C ASP B 269 -11.42 -2.07 -0.78
N ASP B 270 -11.78 -1.37 -1.85
CA ASP B 270 -13.08 -0.73 -1.92
C ASP B 270 -14.19 -1.78 -1.87
N HIS B 271 -15.24 -1.48 -1.11
CA HIS B 271 -16.34 -2.42 -0.89
C HIS B 271 -15.83 -3.74 -0.32
N ASN B 272 -14.85 -3.66 0.57
CA ASN B 272 -14.23 -4.84 1.14
C ASN B 272 -13.81 -4.53 2.58
N VAL B 273 -13.55 -5.58 3.34
CA VAL B 273 -13.29 -5.47 4.77
C VAL B 273 -11.80 -5.53 5.04
N PRO B 274 -11.32 -4.92 6.14
CA PRO B 274 -9.92 -5.11 6.53
C PRO B 274 -9.73 -6.43 7.26
N SER B 275 -8.49 -6.92 7.20
CA SER B 275 -8.14 -8.11 7.96
C SER B 275 -8.19 -7.80 9.45
N LEU B 276 -8.53 -8.83 10.23
CA LEU B 276 -8.63 -8.63 11.68
C LEU B 276 -7.29 -8.26 12.28
N ASP B 277 -6.19 -8.76 11.71
CA ASP B 277 -4.87 -8.31 12.12
C ASP B 277 -4.70 -6.82 11.84
N ASP B 278 -5.17 -6.37 10.68
CA ASP B 278 -5.12 -4.95 10.35
C ASP B 278 -6.00 -4.13 11.30
N MET B 279 -7.17 -4.66 11.66
CA MET B 279 -8.05 -3.94 12.58
C MET B 279 -7.42 -3.81 13.96
N LEU B 280 -6.80 -4.88 14.45
CA LEU B 280 -6.13 -4.82 15.74
C LEU B 280 -4.95 -3.87 15.71
N ARG B 281 -4.16 -3.90 14.63
CA ARG B 281 -3.04 -2.99 14.50
C ARG B 281 -3.52 -1.54 14.46
N TYR B 282 -4.57 -1.28 13.70
CA TYR B 282 -5.14 0.06 13.64
C TYR B 282 -5.66 0.53 14.99
N THR B 283 -6.38 -0.35 15.71
CA THR B 283 -6.92 0.05 17.00
C THR B 283 -5.81 0.28 18.02
N ALA B 284 -4.76 -0.55 17.99
CA ALA B 284 -3.61 -0.31 18.85
C ALA B 284 -2.94 1.01 18.51
N CYS B 285 -2.82 1.33 17.22
CA CYS B 285 -2.23 2.59 16.81
C CYS B 285 -3.06 3.77 17.29
N VAL B 286 -4.38 3.68 17.18
CA VAL B 286 -5.25 4.76 17.64
C VAL B 286 -5.13 4.92 19.15
N ARG B 287 -5.12 3.80 19.87
CA ARG B 287 -5.01 3.85 21.33
C ARG B 287 -3.70 4.47 21.77
N ASP B 288 -2.60 4.11 21.09
CA ASP B 288 -1.31 4.72 21.40
C ASP B 288 -1.31 6.20 21.08
N TRP B 289 -1.92 6.59 19.95
CA TRP B 289 -1.97 7.99 19.57
C TRP B 289 -2.75 8.81 20.60
N MET B 290 -3.91 8.30 21.02
CA MET B 290 -4.71 9.01 22.02
C MET B 290 -4.05 9.01 23.39
N ALA B 291 -3.22 8.02 23.68
CA ALA B 291 -2.46 7.99 24.92
C ALA B 291 -1.26 8.92 24.89
N ALA B 292 -0.81 9.33 23.70
CA ALA B 292 0.34 10.24 23.62
C ALA B 292 0.02 11.60 24.22
N ASP B 293 -1.18 12.12 23.96
CA ASP B 293 -1.59 13.39 24.52
C ASP B 293 -3.11 13.44 24.56
N SER B 294 -3.64 14.35 25.36
CA SER B 294 -5.08 14.50 25.53
C SER B 294 -5.72 15.32 24.41
N ARG B 295 -4.96 15.80 23.45
CA ARG B 295 -5.48 16.66 22.39
C ARG B 295 -5.40 15.93 21.04
N ASN B 296 -4.72 14.79 21.01
CA ASN B 296 -4.45 14.07 19.77
C ASN B 296 -5.76 13.66 19.10
N VAL B 297 -5.86 13.92 17.81
CA VAL B 297 -7.03 13.57 17.01
C VAL B 297 -6.58 12.58 15.93
N ILE B 298 -7.56 11.98 15.25
CA ILE B 298 -7.30 11.11 14.12
C ILE B 298 -8.19 11.53 12.96
N ALA B 299 -7.64 11.47 11.75
CA ALA B 299 -8.37 11.78 10.53
C ALA B 299 -8.46 10.51 9.69
N ILE B 300 -9.67 10.17 9.26
CA ILE B 300 -9.95 8.89 8.62
C ILE B 300 -10.62 9.17 7.28
N HIS B 301 -10.15 8.51 6.22
CA HIS B 301 -10.73 8.73 4.91
C HIS B 301 -10.58 7.49 4.05
N SER B 302 -11.38 7.45 2.98
CA SER B 302 -11.28 6.44 1.94
C SER B 302 -11.69 7.06 0.62
N LYS B 303 -11.24 6.46 -0.48
CA LYS B 303 -11.43 7.08 -1.78
C LYS B 303 -12.90 7.06 -2.20
N GLY B 304 -13.58 5.93 -2.01
CA GLY B 304 -14.97 5.83 -2.41
C GLY B 304 -15.93 6.44 -1.41
N GLY B 305 -17.03 5.74 -1.13
CA GLY B 305 -17.98 6.18 -0.14
C GLY B 305 -17.52 5.87 1.26
N LYS B 306 -18.35 6.25 2.23
CA LYS B 306 -18.04 6.03 3.64
C LYS B 306 -18.34 4.58 4.05
N GLY B 307 -17.73 3.66 3.30
CA GLY B 307 -17.83 2.27 3.67
C GLY B 307 -16.65 1.86 4.53
N ARG B 308 -15.44 2.09 4.02
CA ARG B 308 -14.23 1.72 4.75
C ARG B 308 -13.97 2.68 5.91
N THR B 309 -14.12 3.98 5.67
CA THR B 309 -13.97 4.94 6.76
C THR B 309 -15.06 4.75 7.81
N GLY B 310 -16.28 4.47 7.37
CA GLY B 310 -17.34 4.16 8.33
C GLY B 310 -17.04 2.92 9.14
N THR B 311 -16.57 1.86 8.48
CA THR B 311 -16.19 0.65 9.17
C THR B 311 -15.14 0.92 10.24
N MET B 312 -14.07 1.61 9.85
CA MET B 312 -12.93 1.79 10.73
C MET B 312 -13.15 2.88 11.76
N VAL B 313 -14.19 3.70 11.60
CA VAL B 313 -14.56 4.64 12.65
C VAL B 313 -15.54 4.00 13.63
N CYS B 314 -16.43 3.13 13.16
CA CYS B 314 -17.29 2.40 14.08
C CYS B 314 -16.51 1.40 14.89
N THR B 315 -15.44 0.84 14.32
CA THR B 315 -14.58 -0.06 15.06
C THR B 315 -13.94 0.65 16.25
N TRP B 316 -13.43 1.87 16.03
CA TRP B 316 -12.89 2.64 17.13
C TRP B 316 -13.98 3.06 18.10
N LEU B 317 -15.17 3.38 17.58
CA LEU B 317 -16.27 3.78 18.46
C LEU B 317 -16.64 2.66 19.43
N ILE B 318 -16.70 1.43 18.94
CA ILE B 318 -17.04 0.31 19.82
C ILE B 318 -15.85 -0.14 20.65
N ASP B 319 -14.62 0.10 20.20
CA ASP B 319 -13.45 -0.24 20.99
C ASP B 319 -13.28 0.70 22.18
N SER B 320 -13.49 2.01 21.97
CA SER B 320 -13.35 2.96 23.06
C SER B 320 -14.52 2.88 24.04
N ASP B 321 -15.74 2.71 23.55
CA ASP B 321 -16.91 2.63 24.41
C ASP B 321 -16.98 1.27 25.09
N VAL B 349 -21.05 2.33 7.08
CA VAL B 349 -20.79 0.99 6.57
C VAL B 349 -21.67 0.70 5.35
N GLU B 350 -21.03 0.45 4.21
CA GLU B 350 -21.78 0.19 2.99
C GLU B 350 -22.24 -1.25 2.89
N THR B 351 -21.30 -2.19 2.84
CA THR B 351 -21.68 -3.57 2.61
C THR B 351 -21.82 -4.31 3.93
N PRO B 352 -22.67 -5.35 3.98
CA PRO B 352 -22.88 -6.06 5.25
C PRO B 352 -21.67 -6.81 5.75
N SER B 353 -20.69 -7.11 4.90
CA SER B 353 -19.47 -7.75 5.39
C SER B 353 -18.70 -6.83 6.31
N GLN B 354 -18.71 -5.53 6.02
CA GLN B 354 -18.12 -4.56 6.93
C GLN B 354 -18.84 -4.58 8.28
N SER B 355 -20.16 -4.71 8.25
CA SER B 355 -20.92 -4.83 9.49
C SER B 355 -20.51 -6.08 10.27
N ARG B 356 -20.38 -7.21 9.57
CA ARG B 356 -20.03 -8.44 10.26
C ARG B 356 -18.60 -8.37 10.80
N TYR B 357 -17.73 -7.59 10.16
CA TYR B 357 -16.38 -7.45 10.67
C TYR B 357 -16.33 -6.51 11.87
N VAL B 358 -17.17 -5.49 11.91
CA VAL B 358 -17.31 -4.71 13.14
C VAL B 358 -17.84 -5.61 14.26
N GLY B 359 -18.74 -6.52 13.93
CA GLY B 359 -19.19 -7.50 14.91
C GLY B 359 -18.09 -8.43 15.36
N TYR B 360 -17.26 -8.88 14.43
CA TYR B 360 -16.10 -9.70 14.79
C TYR B 360 -15.18 -8.95 15.75
N TYR B 361 -14.96 -7.65 15.49
CA TYR B 361 -14.11 -6.88 16.38
C TYR B 361 -14.75 -6.71 17.76
N GLU B 362 -16.08 -6.54 17.82
CA GLU B 362 -16.69 -6.42 19.13
C GLU B 362 -16.58 -7.74 19.90
N ILE B 363 -16.72 -8.87 19.20
CA ILE B 363 -16.56 -10.16 19.85
C ILE B 363 -15.14 -10.32 20.38
N MET B 364 -14.15 -9.95 19.56
CA MET B 364 -12.76 -10.02 19.99
C MET B 364 -12.50 -9.09 21.18
N LYS B 365 -13.05 -7.89 21.15
CA LYS B 365 -12.82 -6.92 22.21
C LYS B 365 -13.41 -7.40 23.53
N ASN B 366 -14.61 -7.97 23.52
CA ASN B 366 -15.28 -8.28 24.78
C ASN B 366 -15.06 -9.72 25.25
N GLN B 367 -14.61 -10.63 24.38
CA GLN B 367 -14.43 -12.02 24.79
C GLN B 367 -12.96 -12.45 24.76
N TYR B 368 -12.31 -12.40 23.60
CA TYR B 368 -10.91 -12.79 23.48
C TYR B 368 -10.09 -11.51 23.44
N ASN B 369 -9.92 -10.90 24.63
CA ASN B 369 -9.72 -9.46 24.76
C ASN B 369 -8.71 -8.88 23.78
N ARG B 370 -9.20 -8.05 22.86
CA ARG B 370 -8.41 -7.29 21.89
C ARG B 370 -7.30 -8.11 21.25
N GLN B 371 -7.56 -9.40 21.03
CA GLN B 371 -6.57 -10.30 20.42
C GLN B 371 -7.30 -11.23 19.47
N LEU B 372 -6.52 -11.94 18.66
CA LEU B 372 -7.10 -12.88 17.72
C LEU B 372 -7.91 -14.06 18.31
N PRO B 373 -8.92 -14.75 17.56
CA PRO B 373 -9.56 -15.74 18.43
C PRO B 373 -8.64 -16.94 18.39
N PRO B 374 -8.92 -18.05 19.08
CA PRO B 374 -8.12 -19.27 18.89
C PRO B 374 -8.04 -19.66 17.43
N ARG B 375 -6.81 -19.72 16.91
CA ARG B 375 -6.59 -19.88 15.48
C ARG B 375 -7.22 -21.17 14.98
N LYS B 376 -8.23 -21.03 14.13
CA LYS B 376 -8.96 -22.17 13.61
C LYS B 376 -8.76 -22.20 12.10
N SER B 377 -8.30 -23.35 11.60
CA SER B 377 -8.16 -23.57 10.16
C SER B 377 -9.15 -24.65 9.76
N LEU B 378 -10.03 -24.32 8.82
CA LEU B 378 -11.03 -25.26 8.35
C LEU B 378 -11.09 -25.28 6.84
N LYS B 379 -11.59 -26.40 6.31
CA LYS B 379 -11.70 -26.65 4.88
C LYS B 379 -13.17 -26.65 4.50
N ILE B 380 -13.51 -25.88 3.47
CA ILE B 380 -14.88 -25.83 2.99
C ILE B 380 -15.17 -27.09 2.18
N LYS B 381 -16.23 -27.81 2.57
CA LYS B 381 -16.57 -29.07 1.92
C LYS B 381 -17.69 -28.95 0.89
N SER B 382 -18.61 -28.01 1.08
CA SER B 382 -19.69 -27.80 0.13
C SER B 382 -20.32 -26.44 0.40
N ILE B 383 -20.98 -25.90 -0.62
CA ILE B 383 -21.67 -24.62 -0.52
C ILE B 383 -23.13 -24.85 -0.88
N ARG B 384 -24.03 -24.44 0.00
CA ARG B 384 -25.45 -24.63 -0.17
C ARG B 384 -26.11 -23.30 -0.52
N ILE B 385 -26.89 -23.30 -1.60
CA ILE B 385 -27.58 -22.10 -2.07
C ILE B 385 -29.06 -22.28 -1.80
N HIS B 386 -29.65 -21.33 -1.08
CA HIS B 386 -31.03 -21.40 -0.66
C HIS B 386 -31.92 -20.61 -1.61
N SER B 387 -33.05 -21.22 -1.98
CA SER B 387 -34.09 -20.55 -2.76
C SER B 387 -33.56 -20.03 -4.09
N ILE B 388 -33.16 -20.97 -4.95
CA ILE B 388 -32.62 -20.64 -6.27
C ILE B 388 -33.69 -20.56 -7.35
N ALA B 389 -34.95 -20.82 -7.03
CA ALA B 389 -36.00 -20.79 -8.04
C ALA B 389 -36.26 -19.35 -8.47
N GLY B 390 -35.61 -18.93 -9.55
CA GLY B 390 -35.77 -17.58 -10.06
C GLY B 390 -34.46 -16.92 -10.42
N VAL B 391 -33.40 -17.28 -9.71
CA VAL B 391 -32.06 -16.71 -9.93
C VAL B 391 -31.25 -17.71 -10.73
N GLY B 392 -30.58 -17.23 -11.77
CA GLY B 392 -29.80 -18.09 -12.63
C GLY B 392 -30.63 -18.66 -13.76
N LYS B 393 -30.06 -19.69 -14.39
CA LYS B 393 -30.75 -20.32 -15.52
C LYS B 393 -31.99 -21.08 -15.07
N GLY B 394 -32.05 -21.49 -13.80
CA GLY B 394 -33.16 -22.26 -13.29
C GLY B 394 -32.72 -23.60 -12.76
N ASN B 395 -31.45 -23.92 -12.99
CA ASN B 395 -30.85 -25.15 -12.50
C ASN B 395 -29.79 -24.86 -11.44
N GLY B 396 -29.09 -23.74 -11.54
CA GLY B 396 -27.99 -23.44 -10.65
C GLY B 396 -26.62 -23.68 -11.24
N SER B 397 -26.54 -24.24 -12.45
CA SER B 397 -25.26 -24.53 -13.10
C SER B 397 -24.77 -23.32 -13.91
N ASP B 398 -24.74 -22.16 -13.26
CA ASP B 398 -24.11 -20.98 -13.83
C ASP B 398 -23.21 -20.25 -12.86
N LEU B 399 -23.27 -20.55 -11.57
CA LEU B 399 -22.41 -19.87 -10.61
C LEU B 399 -20.97 -20.33 -10.77
N LYS B 400 -20.03 -19.40 -10.56
CA LYS B 400 -18.61 -19.71 -10.53
C LYS B 400 -18.04 -19.21 -9.22
N LEU B 401 -17.21 -20.04 -8.59
CA LEU B 401 -16.65 -19.74 -7.28
C LEU B 401 -15.26 -19.13 -7.42
N LYS B 402 -14.96 -18.18 -6.54
CA LYS B 402 -13.61 -17.65 -6.40
C LYS B 402 -13.35 -17.42 -4.92
N ILE B 403 -12.31 -18.06 -4.40
CA ILE B 403 -11.97 -17.96 -2.98
C ILE B 403 -10.69 -17.14 -2.89
N ILE B 404 -10.76 -15.99 -2.23
CA ILE B 404 -9.63 -15.06 -2.13
C ILE B 404 -9.22 -14.96 -0.67
N VAL B 405 -7.98 -15.35 -0.38
CA VAL B 405 -7.41 -15.26 0.96
C VAL B 405 -6.09 -14.52 0.84
N LYS B 406 -6.00 -13.34 1.47
CA LYS B 406 -4.81 -12.51 1.44
C LYS B 406 -4.39 -12.20 0.00
N HIS B 407 -5.34 -11.71 -0.79
CA HIS B 407 -5.12 -11.36 -2.20
C HIS B 407 -4.56 -12.55 -2.99
N GLU B 408 -5.07 -13.75 -2.71
CA GLU B 408 -4.60 -14.94 -3.40
C GLU B 408 -5.81 -15.78 -3.77
N LEU B 409 -5.95 -16.07 -5.07
CA LEU B 409 -7.05 -16.90 -5.56
C LEU B 409 -6.73 -18.35 -5.25
N VAL B 410 -7.17 -18.81 -4.06
CA VAL B 410 -6.81 -20.15 -3.60
C VAL B 410 -7.72 -21.24 -4.14
N PHE B 411 -8.84 -20.89 -4.76
CA PHE B 411 -9.78 -21.89 -5.26
C PHE B 411 -10.73 -21.23 -6.25
N GLN B 412 -11.00 -21.91 -7.36
CA GLN B 412 -12.00 -21.47 -8.31
C GLN B 412 -12.69 -22.68 -8.90
N CYS B 413 -13.93 -22.49 -9.35
CA CYS B 413 -14.67 -23.57 -9.99
C CYS B 413 -15.76 -22.98 -10.86
N VAL B 414 -16.19 -23.77 -11.84
CA VAL B 414 -17.31 -23.42 -12.71
C VAL B 414 -18.34 -24.53 -12.63
N CYS B 415 -19.60 -24.16 -12.39
CA CYS B 415 -20.64 -25.16 -12.21
C CYS B 415 -21.11 -25.75 -13.53
N ALA B 416 -21.12 -24.97 -14.61
CA ALA B 416 -21.61 -25.47 -15.89
C ALA B 416 -20.74 -26.61 -16.41
N LYS B 417 -19.41 -26.45 -16.34
CA LYS B 417 -18.51 -27.51 -16.79
C LYS B 417 -18.51 -28.68 -15.81
N GLN B 418 -18.66 -28.41 -14.53
CA GLN B 418 -18.71 -29.44 -13.48
C GLN B 418 -17.40 -30.25 -13.47
N HIS B 419 -16.30 -29.53 -13.27
CA HIS B 419 -14.96 -30.12 -13.23
C HIS B 419 -14.34 -30.01 -11.84
N ASN B 420 -14.23 -28.80 -11.31
CA ASN B 420 -13.69 -28.61 -9.97
C ASN B 420 -14.74 -28.82 -8.88
N CYS B 421 -16.02 -28.70 -9.21
CA CYS B 421 -17.10 -28.95 -8.27
C CYS B 421 -18.24 -29.64 -8.99
N THR B 422 -19.05 -30.37 -8.22
CA THR B 422 -20.23 -31.05 -8.74
C THR B 422 -21.48 -30.43 -8.14
N VAL B 423 -22.50 -30.28 -8.99
CA VAL B 423 -23.75 -29.62 -8.63
C VAL B 423 -24.79 -30.70 -8.34
N PHE B 424 -25.47 -30.58 -7.21
CA PHE B 424 -26.51 -31.52 -6.79
C PHE B 424 -27.77 -30.74 -6.47
N PRO B 425 -28.52 -30.31 -7.49
CA PRO B 425 -29.74 -29.52 -7.25
C PRO B 425 -30.81 -30.33 -6.54
N ASP B 426 -31.16 -29.91 -5.33
CA ASP B 426 -32.23 -30.52 -4.55
C ASP B 426 -33.45 -29.62 -4.69
N THR B 427 -34.25 -29.89 -5.73
CA THR B 427 -35.41 -29.05 -6.02
C THR B 427 -36.52 -29.20 -4.99
N GLY B 428 -36.44 -30.22 -4.14
CA GLY B 428 -37.42 -30.35 -3.06
C GLY B 428 -37.35 -29.21 -2.07
N SER B 429 -36.14 -28.75 -1.76
CA SER B 429 -35.92 -27.65 -0.83
C SER B 429 -35.35 -26.41 -1.50
N ASN B 430 -35.37 -26.35 -2.84
CA ASN B 430 -34.81 -25.23 -3.59
C ASN B 430 -33.33 -25.02 -3.27
N ALA B 431 -32.58 -26.13 -3.23
CA ALA B 431 -31.17 -26.10 -2.89
C ALA B 431 -30.36 -26.72 -4.02
N VAL B 432 -29.20 -26.12 -4.31
CA VAL B 432 -28.30 -26.61 -5.35
C VAL B 432 -26.91 -26.91 -4.77
N VAL B 433 -26.89 -27.39 -3.53
CA VAL B 433 -25.65 -27.63 -2.78
C VAL B 433 -24.60 -28.26 -3.68
N ILE B 434 -23.43 -27.64 -3.75
CA ILE B 434 -22.37 -28.03 -4.67
C ILE B 434 -21.26 -28.68 -3.86
N SER B 435 -20.93 -29.92 -4.21
CA SER B 435 -19.86 -30.64 -3.51
C SER B 435 -18.53 -29.98 -3.84
N LEU B 436 -17.99 -29.23 -2.89
CA LEU B 436 -16.75 -28.49 -3.08
C LEU B 436 -15.60 -29.43 -2.74
N GLN B 437 -15.27 -30.32 -3.67
CA GLN B 437 -14.26 -31.33 -3.42
C GLN B 437 -12.88 -30.71 -3.29
N ASP B 438 -12.10 -31.23 -2.34
CA ASP B 438 -10.75 -30.77 -2.05
C ASP B 438 -10.70 -29.25 -1.89
N GLY B 439 -11.53 -28.74 -0.99
CA GLY B 439 -11.57 -27.32 -0.73
C GLY B 439 -10.31 -26.82 -0.07
N PRO B 440 -10.06 -25.51 -0.16
CA PRO B 440 -8.85 -24.96 0.43
C PRO B 440 -8.88 -25.04 1.95
N ILE B 441 -7.70 -25.18 2.54
CA ILE B 441 -7.58 -25.13 3.99
C ILE B 441 -7.43 -23.67 4.37
N VAL B 442 -8.56 -22.96 4.47
CA VAL B 442 -8.52 -21.52 4.65
C VAL B 442 -8.15 -21.18 6.09
N THR B 443 -7.56 -20.02 6.28
CA THR B 443 -7.18 -19.55 7.61
C THR B 443 -7.27 -18.03 7.61
N GLY B 444 -7.83 -17.46 8.67
CA GLY B 444 -7.94 -16.03 8.78
C GLY B 444 -9.16 -15.48 8.07
N ASP B 445 -8.95 -14.45 7.27
CA ASP B 445 -10.03 -13.77 6.56
C ASP B 445 -10.17 -14.35 5.16
N VAL B 446 -11.40 -14.67 4.79
CA VAL B 446 -11.71 -15.31 3.51
C VAL B 446 -12.76 -14.47 2.79
N LYS B 447 -12.59 -14.34 1.47
CA LYS B 447 -13.58 -13.71 0.61
C LYS B 447 -14.04 -14.73 -0.42
N VAL B 448 -15.36 -14.84 -0.60
CA VAL B 448 -15.96 -15.81 -1.51
C VAL B 448 -16.88 -15.04 -2.44
N MET B 449 -16.50 -14.94 -3.72
CA MET B 449 -17.33 -14.29 -4.73
C MET B 449 -17.97 -15.34 -5.62
N PHE B 450 -19.18 -15.05 -6.10
CA PHE B 450 -19.93 -15.95 -6.95
C PHE B 450 -20.07 -15.31 -8.33
N GLU B 451 -19.33 -15.84 -9.29
CA GLU B 451 -19.40 -15.37 -10.67
C GLU B 451 -20.48 -16.15 -11.42
N SER B 452 -21.17 -15.46 -12.32
CA SER B 452 -22.23 -16.07 -13.09
C SER B 452 -22.22 -15.53 -14.51
N SER B 453 -22.80 -16.32 -15.42
CA SER B 453 -22.87 -16.00 -16.83
C SER B 453 -24.30 -15.97 -17.35
N ALA B 454 -25.26 -15.74 -16.45
CA ALA B 454 -26.67 -15.68 -16.83
C ALA B 454 -27.28 -14.31 -16.59
N GLY B 455 -26.47 -13.26 -16.68
CA GLY B 455 -26.99 -11.90 -16.55
C GLY B 455 -27.51 -11.55 -15.18
N LEU B 456 -26.81 -11.96 -14.12
CA LEU B 456 -27.18 -11.55 -12.79
C LEU B 456 -26.91 -10.06 -12.61
N PRO B 457 -27.71 -9.37 -11.78
CA PRO B 457 -27.49 -7.92 -11.59
C PRO B 457 -26.24 -7.61 -10.81
N LYS B 458 -25.10 -7.60 -11.51
CA LYS B 458 -23.82 -7.33 -10.86
C LYS B 458 -23.84 -5.95 -10.22
N GLY B 459 -23.41 -5.90 -8.96
CA GLY B 459 -23.38 -4.65 -8.22
C GLY B 459 -21.99 -4.25 -7.79
N TYR B 460 -21.72 -4.31 -6.49
CA TYR B 460 -20.40 -3.97 -5.98
C TYR B 460 -19.37 -4.97 -6.48
N GLU B 461 -18.19 -4.45 -6.83
CA GLU B 461 -17.04 -5.25 -7.26
C GLU B 461 -17.32 -6.04 -8.54
N ASP B 462 -18.41 -5.71 -9.24
CA ASP B 462 -18.77 -6.38 -10.49
C ASP B 462 -18.88 -7.89 -10.28
N CYS B 463 -19.84 -8.28 -9.44
CA CYS B 463 -20.08 -9.68 -9.12
C CYS B 463 -21.49 -9.82 -8.55
N PRO B 464 -22.21 -10.90 -8.90
CA PRO B 464 -23.54 -11.14 -8.30
C PRO B 464 -23.54 -11.02 -6.78
N PHE B 465 -22.72 -11.80 -6.07
CA PHE B 465 -22.61 -11.62 -4.63
C PHE B 465 -21.30 -12.22 -4.12
N TYR B 466 -20.69 -11.56 -3.14
CA TYR B 466 -19.46 -12.01 -2.51
C TYR B 466 -19.60 -11.97 -1.00
N PHE B 467 -18.66 -12.61 -0.30
CA PHE B 467 -18.66 -12.67 1.16
C PHE B 467 -17.39 -12.02 1.69
N TRP B 468 -17.31 -11.92 3.02
CA TRP B 468 -16.06 -11.61 3.69
C TRP B 468 -16.19 -12.12 5.12
N PHE B 469 -15.60 -13.28 5.42
CA PHE B 469 -15.80 -13.88 6.72
C PHE B 469 -14.47 -14.38 7.27
N ASN B 470 -14.36 -14.36 8.60
CA ASN B 470 -13.21 -14.89 9.32
C ASN B 470 -13.47 -16.34 9.68
N THR B 471 -12.50 -17.20 9.39
CA THR B 471 -12.71 -18.63 9.62
C THR B 471 -12.56 -19.01 11.09
N SER B 472 -11.96 -18.14 11.91
CA SER B 472 -11.83 -18.40 13.33
C SER B 472 -13.14 -18.22 14.09
N PHE B 473 -14.10 -17.50 13.53
CA PHE B 473 -15.36 -17.20 14.20
C PHE B 473 -16.46 -18.19 13.87
N VAL B 474 -16.19 -19.20 13.05
CA VAL B 474 -17.21 -20.15 12.66
C VAL B 474 -17.55 -21.06 13.84
N GLU B 475 -18.83 -21.17 14.15
CA GLU B 475 -19.31 -21.98 15.25
C GLU B 475 -20.01 -23.22 14.70
N ASN B 476 -19.69 -24.38 15.26
CA ASN B 476 -20.27 -25.67 14.87
C ASN B 476 -19.98 -26.03 13.42
N TYR B 477 -18.91 -25.45 12.86
CA TYR B 477 -18.43 -25.82 11.52
C TYR B 477 -19.51 -25.59 10.46
N ARG B 478 -20.22 -24.47 10.57
CA ARG B 478 -21.27 -24.13 9.63
C ARG B 478 -21.43 -22.61 9.61
N LEU B 479 -21.62 -22.06 8.42
CA LEU B 479 -21.85 -20.61 8.26
C LEU B 479 -22.91 -20.42 7.18
N PHE B 480 -24.13 -20.09 7.61
CA PHE B 480 -25.22 -19.76 6.71
C PHE B 480 -25.31 -18.25 6.60
N LEU B 481 -25.39 -17.75 5.37
CA LEU B 481 -25.43 -16.32 5.10
C LEU B 481 -26.82 -15.97 4.57
N SER B 482 -27.59 -15.23 5.38
CA SER B 482 -28.95 -14.89 4.98
C SER B 482 -28.92 -13.89 3.83
N ARG B 483 -30.09 -13.70 3.20
CA ARG B 483 -30.17 -12.81 2.04
C ARG B 483 -29.69 -11.41 2.38
N GLU B 484 -29.90 -10.97 3.62
CA GLU B 484 -29.54 -9.61 4.01
C GLU B 484 -28.04 -9.39 4.15
N GLU B 485 -27.24 -10.43 4.29
CA GLU B 485 -25.80 -10.23 4.55
C GLU B 485 -25.00 -10.25 3.24
N LEU B 486 -24.79 -11.43 2.66
CA LEU B 486 -24.83 -11.65 1.21
C LEU B 486 -24.51 -10.41 0.37
N ASP B 487 -23.29 -9.91 0.42
CA ASP B 487 -22.92 -8.66 -0.27
C ASP B 487 -23.48 -8.61 -1.68
N ASN B 488 -24.34 -7.60 -1.94
CA ASN B 488 -25.00 -7.15 -3.16
C ASN B 488 -26.49 -7.50 -3.17
N PRO B 489 -26.92 -8.73 -2.83
CA PRO B 489 -28.34 -8.96 -2.57
C PRO B 489 -28.90 -8.11 -1.45
N HIS B 490 -28.04 -7.54 -0.59
CA HIS B 490 -28.52 -6.75 0.53
C HIS B 490 -29.27 -5.51 0.08
N LYS B 491 -28.90 -4.95 -1.07
CA LYS B 491 -29.52 -3.72 -1.53
C LYS B 491 -30.96 -3.98 -1.96
N PRO B 492 -31.93 -3.20 -1.47
CA PRO B 492 -33.35 -3.51 -1.78
C PRO B 492 -33.70 -3.42 -3.25
N LYS B 493 -32.90 -2.73 -4.07
CA LYS B 493 -33.24 -2.57 -5.48
C LYS B 493 -33.21 -3.90 -6.22
N THR B 494 -32.54 -4.91 -5.67
CA THR B 494 -32.49 -6.24 -6.28
C THR B 494 -33.35 -7.26 -5.54
N TRP B 495 -34.31 -6.80 -4.74
CA TRP B 495 -35.15 -7.72 -3.99
C TRP B 495 -36.26 -8.28 -4.86
N ASP B 496 -35.90 -8.80 -6.03
CA ASP B 496 -36.85 -9.48 -6.91
C ASP B 496 -36.30 -10.76 -7.52
N ILE B 497 -34.98 -10.96 -7.55
CA ILE B 497 -34.38 -12.18 -8.07
C ILE B 497 -33.87 -13.00 -6.89
N TYR B 498 -33.52 -12.32 -5.80
CA TYR B 498 -33.15 -12.94 -4.54
C TYR B 498 -34.31 -12.72 -3.58
N LYS B 499 -35.08 -13.77 -3.33
CA LYS B 499 -36.23 -13.66 -2.45
C LYS B 499 -35.81 -13.75 -0.98
N GLU B 500 -36.80 -13.65 -0.09
CA GLU B 500 -36.52 -13.50 1.34
C GLU B 500 -35.78 -14.70 1.90
N ASP B 501 -35.98 -15.88 1.32
CA ASP B 501 -35.35 -17.09 1.80
C ASP B 501 -34.05 -17.41 1.07
N PHE B 502 -33.58 -16.52 0.19
CA PHE B 502 -32.30 -16.72 -0.47
C PHE B 502 -31.17 -16.66 0.55
N GLY B 503 -30.16 -17.50 0.35
CA GLY B 503 -29.03 -17.52 1.26
C GLY B 503 -27.98 -18.50 0.79
N VAL B 504 -26.83 -18.43 1.46
CA VAL B 504 -25.71 -19.31 1.19
C VAL B 504 -25.23 -19.90 2.51
N THR B 505 -25.02 -21.21 2.55
CA THR B 505 -24.53 -21.91 3.73
C THR B 505 -23.13 -22.44 3.45
N LEU B 506 -22.19 -22.11 4.33
CA LEU B 506 -20.81 -22.57 4.22
C LEU B 506 -20.62 -23.79 5.11
N SER B 507 -20.26 -24.91 4.49
CA SER B 507 -20.02 -26.16 5.23
C SER B 507 -18.52 -26.34 5.43
N PHE B 508 -18.12 -26.56 6.68
CA PHE B 508 -16.72 -26.63 7.06
C PHE B 508 -16.36 -28.04 7.52
N THR B 509 -15.06 -28.33 7.48
CA THR B 509 -14.52 -29.59 7.94
C THR B 509 -13.19 -29.33 8.63
N GLU B 510 -12.97 -30.00 9.76
CA GLU B 510 -11.76 -29.80 10.54
C GLU B 510 -10.66 -30.71 10.01
N PRO B 511 -9.55 -30.16 9.50
CA PRO B 511 -8.44 -30.96 8.96
C PRO B 511 -7.75 -31.80 10.03
#